data_6MTV
#
_entry.id   6MTV
#
_cell.length_a   57.403
_cell.length_b   55.559
_cell.length_c   61.775
_cell.angle_alpha   90.00
_cell.angle_beta   116.12
_cell.angle_gamma   90.00
#
_symmetry.space_group_name_H-M   'I 1 2 1'
#
loop_
_entity.id
_entity.type
_entity.pdbx_description
1 polymer 'Protein scribble homolog'
2 polymer 'Colorectal mutant cancer protein'
3 non-polymer DI(HYDROXYETHYL)ETHER
4 non-polymer 'SULFATE ION'
5 water water
#
loop_
_entity_poly.entity_id
_entity_poly.type
_entity_poly.pdbx_seq_one_letter_code
_entity_poly.pdbx_strand_id
1 'polypeptide(L)'
;GSAPSVKGVSFDQANNLLIEPARIEEEELTLTILRQTGGLGISIAGGKGSTPYKGDDEGIFISRVSEEGPAARAGVRVGD
KLLEVNGVALQGAEHHEAVEALRGAGTAVQMRVWRERM
;
A,B
2 'polypeptide(L)' PHTNETSL D,E
#
loop_
_chem_comp.id
_chem_comp.type
_chem_comp.name
_chem_comp.formula
PEG non-polymer DI(HYDROXYETHYL)ETHER 'C4 H10 O3'
SO4 non-polymer 'SULFATE ION' 'O4 S -2'
#
# COMPACT_ATOMS: atom_id res chain seq x y z
N LEU A 18 24.25 -36.78 -9.62
CA LEU A 18 24.21 -35.33 -9.81
C LEU A 18 22.83 -34.93 -10.37
N ILE A 19 22.23 -33.91 -9.75
CA ILE A 19 20.83 -33.58 -10.00
C ILE A 19 20.62 -32.09 -9.79
N GLU A 20 19.57 -31.57 -10.43
CA GLU A 20 19.18 -30.18 -10.23
C GLU A 20 18.73 -29.98 -8.78
N PRO A 21 19.03 -28.83 -8.19
CA PRO A 21 18.57 -28.57 -6.82
C PRO A 21 17.09 -28.28 -6.76
N ALA A 22 16.60 -27.92 -5.58
CA ALA A 22 15.25 -27.43 -5.41
C ALA A 22 15.20 -25.97 -5.85
N ARG A 23 14.27 -25.65 -6.75
CA ARG A 23 14.20 -24.33 -7.34
C ARG A 23 12.76 -23.82 -7.36
N ILE A 24 12.63 -22.50 -7.28
CA ILE A 24 11.34 -21.83 -7.32
C ILE A 24 10.95 -21.62 -8.77
N GLU A 25 9.85 -22.25 -9.19
CA GLU A 25 9.35 -22.06 -10.55
C GLU A 25 8.55 -20.77 -10.67
N GLU A 26 7.73 -20.47 -9.67
CA GLU A 26 6.92 -19.25 -9.67
C GLU A 26 6.54 -18.93 -8.24
N GLU A 27 6.09 -17.70 -8.03
CA GLU A 27 5.76 -17.24 -6.68
C GLU A 27 4.98 -15.93 -6.79
N GLU A 28 4.34 -15.56 -5.68
CA GLU A 28 3.65 -14.28 -5.55
C GLU A 28 4.27 -13.53 -4.38
N LEU A 29 4.90 -12.40 -4.66
CA LEU A 29 5.64 -11.64 -3.66
C LEU A 29 4.90 -10.35 -3.33
N THR A 30 4.73 -10.09 -2.04
CA THR A 30 4.31 -8.78 -1.55
C THR A 30 5.56 -8.01 -1.15
N LEU A 31 5.81 -6.90 -1.84
CA LEU A 31 7.03 -6.12 -1.67
C LEU A 31 6.69 -4.69 -1.27
N THR A 32 7.55 -4.10 -0.45
CA THR A 32 7.40 -2.71 0.00
C THR A 32 8.56 -1.90 -0.55
N ILE A 33 8.26 -0.83 -1.27
CA ILE A 33 9.25 0.07 -1.84
C ILE A 33 9.14 1.42 -1.16
N LEU A 34 10.25 1.92 -0.62
CA LEU A 34 10.29 3.20 0.06
C LEU A 34 11.11 4.19 -0.76
N ARG A 35 10.55 5.36 -1.01
CA ARG A 35 11.27 6.40 -1.74
C ARG A 35 11.07 7.77 -1.08
N GLY A 38 13.97 10.70 -5.65
CA GLY A 38 12.60 11.13 -5.80
C GLY A 38 11.71 10.12 -6.51
N GLY A 39 12.34 9.19 -7.24
CA GLY A 39 11.63 8.20 -8.01
C GLY A 39 11.66 6.83 -7.35
N LEU A 40 10.90 5.90 -7.94
CA LEU A 40 10.83 4.54 -7.44
C LEU A 40 11.94 3.65 -7.98
N GLY A 41 12.42 3.92 -9.19
CA GLY A 41 13.47 3.12 -9.77
C GLY A 41 12.99 1.98 -10.64
N ILE A 42 11.80 2.09 -11.22
CA ILE A 42 11.25 1.06 -12.09
C ILE A 42 10.75 1.69 -13.38
N SER A 43 10.71 0.87 -14.42
CA SER A 43 10.03 1.20 -15.68
C SER A 43 9.06 0.07 -15.97
N ILE A 44 7.77 0.40 -15.96
CA ILE A 44 6.73 -0.59 -16.24
C ILE A 44 6.43 -0.57 -17.73
N ALA A 45 6.06 -1.73 -18.26
CA ALA A 45 5.74 -1.87 -19.67
C ALA A 45 4.52 -2.76 -19.82
N GLY A 46 3.77 -2.54 -20.91
CA GLY A 46 2.63 -3.36 -21.22
C GLY A 46 1.32 -2.77 -20.75
N GLY A 47 0.34 -3.63 -20.49
CA GLY A 47 -1.00 -3.21 -20.16
C GLY A 47 -1.99 -3.60 -21.23
N LYS A 48 -3.27 -3.59 -20.86
CA LYS A 48 -4.34 -3.86 -21.81
C LYS A 48 -4.47 -2.68 -22.78
N GLY A 49 -4.30 -2.97 -24.07
CA GLY A 49 -4.33 -1.93 -25.08
C GLY A 49 -2.98 -1.43 -25.51
N SER A 50 -1.90 -2.03 -25.01
CA SER A 50 -0.54 -1.66 -25.36
C SER A 50 0.18 -2.87 -25.93
N THR A 51 1.20 -2.60 -26.73
CA THR A 51 1.99 -3.68 -27.31
C THR A 51 2.57 -4.54 -26.19
N PRO A 52 2.30 -5.85 -26.18
CA PRO A 52 2.67 -6.66 -25.01
C PRO A 52 4.17 -6.68 -24.77
N TYR A 53 4.53 -7.06 -23.54
CA TYR A 53 5.93 -7.18 -23.14
C TYR A 53 6.46 -8.59 -23.27
N LYS A 54 5.65 -9.59 -22.93
CA LYS A 54 6.07 -10.99 -22.96
C LYS A 54 4.96 -11.82 -23.59
N GLY A 55 5.27 -12.50 -24.68
CA GLY A 55 4.30 -13.38 -25.31
C GLY A 55 3.04 -12.62 -25.71
N ASP A 56 1.89 -13.18 -25.35
CA ASP A 56 0.61 -12.52 -25.55
C ASP A 56 0.02 -11.97 -24.25
N ASP A 57 0.72 -12.17 -23.12
CA ASP A 57 0.25 -11.63 -21.84
C ASP A 57 0.31 -10.11 -21.87
N GLU A 58 -0.86 -9.47 -21.78
CA GLU A 58 -0.95 -8.02 -21.79
C GLU A 58 -0.91 -7.40 -20.39
N GLY A 59 -0.33 -8.10 -19.42
CA GLY A 59 -0.20 -7.54 -18.09
C GLY A 59 0.86 -6.46 -18.02
N ILE A 60 0.94 -5.82 -16.86
CA ILE A 60 1.95 -4.80 -16.59
C ILE A 60 3.17 -5.49 -15.98
N PHE A 61 4.32 -5.30 -16.60
CA PHE A 61 5.55 -5.96 -16.18
C PHE A 61 6.61 -4.93 -15.81
N ILE A 62 7.58 -5.39 -15.02
CA ILE A 62 8.76 -4.60 -14.70
C ILE A 62 9.78 -4.80 -15.82
N SER A 63 10.07 -3.73 -16.56
CA SER A 63 11.00 -3.81 -17.68
C SER A 63 12.39 -3.29 -17.37
N ARG A 64 12.54 -2.49 -16.31
CA ARG A 64 13.84 -1.95 -15.92
C ARG A 64 13.83 -1.66 -14.43
N VAL A 65 14.93 -1.98 -13.77
CA VAL A 65 15.12 -1.69 -12.35
C VAL A 65 16.39 -0.87 -12.21
N SER A 66 16.27 0.32 -11.63
CA SER A 66 17.44 1.17 -11.42
C SER A 66 18.47 0.44 -10.57
N GLU A 67 19.74 0.65 -10.91
CA GLU A 67 20.83 0.00 -10.20
C GLU A 67 20.85 0.44 -8.75
N GLU A 68 20.68 -0.51 -7.83
CA GLU A 68 20.70 -0.24 -6.39
C GLU A 68 19.71 0.84 -5.99
N GLY A 69 18.65 1.04 -6.78
CA GLY A 69 17.61 1.95 -6.42
C GLY A 69 16.70 1.37 -5.34
N PRO A 70 15.75 2.18 -4.88
CA PRO A 70 14.84 1.70 -3.84
C PRO A 70 14.08 0.43 -4.21
N ALA A 71 13.75 0.24 -5.49
CA ALA A 71 13.05 -0.98 -5.90
C ALA A 71 13.98 -2.18 -5.93
N ALA A 72 15.24 -1.97 -6.33
CA ALA A 72 16.21 -3.06 -6.31
C ALA A 72 16.52 -3.50 -4.88
N ARG A 73 16.51 -2.58 -3.92
CA ARG A 73 16.66 -2.96 -2.53
C ARG A 73 15.43 -3.72 -2.02
N ALA A 74 14.25 -3.43 -2.58
CA ALA A 74 13.04 -4.13 -2.16
C ALA A 74 13.00 -5.56 -2.66
N GLY A 75 13.83 -5.91 -3.64
CA GLY A 75 13.79 -7.21 -4.26
C GLY A 75 13.10 -7.26 -5.60
N VAL A 76 12.70 -6.11 -6.15
CA VAL A 76 12.02 -6.09 -7.44
C VAL A 76 12.97 -6.62 -8.51
N ARG A 77 12.47 -7.54 -9.33
CA ARG A 77 13.26 -8.16 -10.38
C ARG A 77 12.66 -7.82 -11.74
N VAL A 78 13.53 -7.77 -12.75
CA VAL A 78 13.10 -7.41 -14.09
C VAL A 78 12.27 -8.56 -14.67
N GLY A 79 11.08 -8.24 -15.16
CA GLY A 79 10.15 -9.23 -15.63
C GLY A 79 9.02 -9.54 -14.68
N ASP A 80 9.00 -8.94 -13.49
CA ASP A 80 7.92 -9.16 -12.56
C ASP A 80 6.63 -8.58 -13.11
N LYS A 81 5.53 -9.30 -12.94
CA LYS A 81 4.21 -8.87 -13.38
C LYS A 81 3.50 -8.16 -12.22
N LEU A 82 2.96 -6.98 -12.49
CA LEU A 82 2.22 -6.23 -11.48
C LEU A 82 0.83 -6.82 -11.33
N LEU A 83 0.55 -7.42 -10.17
CA LEU A 83 -0.79 -7.87 -9.85
C LEU A 83 -1.57 -6.86 -9.01
N GLU A 84 -0.88 -6.02 -8.24
CA GLU A 84 -1.53 -5.17 -7.27
C GLU A 84 -0.59 -4.05 -6.84
N VAL A 85 -1.15 -2.87 -6.60
CA VAL A 85 -0.41 -1.71 -6.12
C VAL A 85 -1.29 -0.98 -5.13
N ASN A 86 -0.81 -0.84 -3.90
CA ASN A 86 -1.49 -0.08 -2.85
C ASN A 86 -2.96 -0.47 -2.73
N GLY A 87 -3.25 -1.77 -2.94
CA GLY A 87 -4.60 -2.25 -2.89
C GLY A 87 -5.36 -2.20 -4.19
N VAL A 88 -4.83 -1.56 -5.22
CA VAL A 88 -5.46 -1.50 -6.53
C VAL A 88 -5.03 -2.73 -7.33
N ALA A 89 -5.99 -3.58 -7.66
CA ALA A 89 -5.70 -4.74 -8.50
C ALA A 89 -5.42 -4.30 -9.93
N LEU A 90 -4.21 -4.54 -10.41
CA LEU A 90 -3.79 -4.17 -11.76
C LEU A 90 -3.79 -5.35 -12.72
N GLN A 91 -4.57 -6.38 -12.43
CA GLN A 91 -4.68 -7.53 -13.31
C GLN A 91 -5.70 -7.21 -14.41
N GLY A 92 -5.27 -7.34 -15.66
CA GLY A 92 -6.15 -6.96 -16.76
C GLY A 92 -6.46 -5.49 -16.78
N ALA A 93 -5.48 -4.65 -16.47
CA ALA A 93 -5.64 -3.21 -16.42
C ALA A 93 -4.88 -2.56 -17.57
N GLU A 94 -5.19 -1.29 -17.79
CA GLU A 94 -4.53 -0.51 -18.83
C GLU A 94 -3.25 0.12 -18.31
N HIS A 95 -2.41 0.57 -19.24
CA HIS A 95 -1.11 1.09 -18.86
C HIS A 95 -1.25 2.33 -17.98
N HIS A 96 -2.10 3.27 -18.39
CA HIS A 96 -2.28 4.48 -17.59
C HIS A 96 -2.89 4.17 -16.24
N GLU A 97 -3.52 3.00 -16.09
CA GLU A 97 -4.10 2.62 -14.81
C GLU A 97 -3.01 2.32 -13.79
N ALA A 98 -1.92 1.70 -14.22
CA ALA A 98 -0.81 1.41 -13.33
C ALA A 98 0.09 2.62 -13.11
N VAL A 99 0.21 3.49 -14.11
CA VAL A 99 1.04 4.68 -13.98
C VAL A 99 0.46 5.61 -12.92
N GLU A 100 -0.85 5.85 -12.97
CA GLU A 100 -1.48 6.72 -11.99
C GLU A 100 -1.46 6.07 -10.60
N ALA A 101 -1.43 4.75 -10.54
CA ALA A 101 -1.33 4.06 -9.26
C ALA A 101 0.10 4.09 -8.70
N LEU A 102 1.09 4.42 -9.52
CA LEU A 102 2.48 4.47 -9.10
C LEU A 102 3.07 5.86 -9.11
N ARG A 103 2.38 6.85 -9.68
CA ARG A 103 2.95 8.18 -9.76
C ARG A 103 2.78 8.96 -8.46
N GLY A 104 1.71 8.69 -7.70
CA GLY A 104 1.57 9.33 -6.41
C GLY A 104 2.74 9.02 -5.50
N ALA A 105 2.75 7.80 -4.97
CA ALA A 105 3.88 7.24 -4.23
C ALA A 105 4.52 8.29 -3.32
N GLY A 106 3.68 8.87 -2.46
CA GLY A 106 4.17 9.88 -1.53
C GLY A 106 5.44 9.46 -0.84
N THR A 107 5.41 8.28 -0.22
CA THR A 107 6.62 7.76 0.43
C THR A 107 6.82 6.25 0.24
N ALA A 108 5.76 5.46 0.14
CA ALA A 108 5.92 4.03 -0.02
C ALA A 108 4.84 3.48 -0.94
N VAL A 109 5.20 2.41 -1.65
CA VAL A 109 4.27 1.64 -2.46
C VAL A 109 4.43 0.20 -2.05
N GLN A 110 3.32 -0.51 -1.92
CA GLN A 110 3.32 -1.95 -1.66
C GLN A 110 2.66 -2.62 -2.86
N MET A 111 3.39 -3.52 -3.51
CA MET A 111 2.90 -4.18 -4.71
C MET A 111 3.06 -5.68 -4.58
N ARG A 112 2.02 -6.41 -4.96
CA ARG A 112 2.10 -7.86 -5.16
C ARG A 112 2.52 -8.12 -6.59
N VAL A 113 3.49 -9.01 -6.78
CA VAL A 113 4.04 -9.31 -8.10
C VAL A 113 4.01 -10.81 -8.32
N TRP A 114 4.03 -11.19 -9.59
CA TRP A 114 4.11 -12.59 -10.00
C TRP A 114 5.46 -12.81 -10.67
N ARG A 115 6.31 -13.61 -10.03
CA ARG A 115 7.64 -13.93 -10.51
C ARG A 115 7.64 -15.36 -11.02
N GLU A 116 8.24 -15.59 -12.18
CA GLU A 116 8.27 -16.90 -12.82
C GLU A 116 9.71 -17.24 -13.17
N ARG A 117 10.29 -18.18 -12.43
CA ARG A 117 11.71 -18.52 -12.56
C ARG A 117 12.58 -17.28 -12.37
N ALA B 14 -34.16 -26.29 28.59
CA ALA B 14 -33.12 -25.30 28.87
C ALA B 14 -33.39 -24.03 28.08
N ASN B 15 -34.34 -23.25 28.54
CA ASN B 15 -34.79 -22.07 27.80
C ASN B 15 -34.13 -20.78 28.26
N ASN B 16 -33.83 -20.64 29.54
CA ASN B 16 -33.30 -19.37 30.01
C ASN B 16 -31.88 -19.50 30.55
N LEU B 17 -31.00 -20.17 29.79
CA LEU B 17 -29.56 -20.10 30.00
C LEU B 17 -29.02 -19.12 28.97
N LEU B 18 -28.37 -18.06 29.43
CA LEU B 18 -27.87 -17.01 28.57
C LEU B 18 -26.35 -16.99 28.60
N ILE B 19 -25.75 -16.39 27.56
CA ILE B 19 -24.31 -16.34 27.42
C ILE B 19 -23.87 -14.91 27.15
N GLU B 20 -22.57 -14.68 27.34
CA GLU B 20 -21.97 -13.39 26.98
C GLU B 20 -21.55 -13.41 25.51
N PRO B 21 -21.89 -12.37 24.74
CA PRO B 21 -21.62 -12.43 23.30
C PRO B 21 -20.13 -12.50 23.00
N ALA B 22 -19.83 -12.96 21.79
CA ALA B 22 -18.47 -12.90 21.27
C ALA B 22 -18.07 -11.44 21.10
N ARG B 23 -16.99 -11.04 21.76
CA ARG B 23 -16.58 -9.64 21.78
C ARG B 23 -15.11 -9.54 21.36
N ILE B 24 -14.83 -8.59 20.47
CA ILE B 24 -13.48 -8.34 20.00
C ILE B 24 -12.80 -7.39 20.98
N GLU B 25 -11.67 -7.82 21.54
CA GLU B 25 -10.88 -6.96 22.41
C GLU B 25 -10.01 -6.01 21.59
N GLU B 26 -9.15 -6.56 20.75
CA GLU B 26 -8.30 -5.78 19.85
C GLU B 26 -8.47 -6.35 18.45
N GLU B 27 -8.00 -5.60 17.44
CA GLU B 27 -8.03 -6.07 16.07
C GLU B 27 -7.19 -5.14 15.20
N GLU B 28 -6.61 -5.72 14.15
CA GLU B 28 -5.93 -4.98 13.11
C GLU B 28 -6.77 -5.03 11.84
N LEU B 29 -6.95 -3.87 11.21
CA LEU B 29 -7.76 -3.75 10.01
C LEU B 29 -6.89 -3.21 8.87
N THR B 30 -6.90 -3.92 7.74
CA THR B 30 -6.32 -3.42 6.50
C THR B 30 -7.47 -2.90 5.65
N LEU B 31 -7.49 -1.60 5.39
CA LEU B 31 -8.57 -0.95 4.66
C LEU B 31 -7.96 -0.11 3.55
N THR B 32 -8.52 -0.24 2.35
CA THR B 32 -8.05 0.49 1.19
C THR B 32 -8.97 1.68 0.94
N ILE B 33 -8.38 2.86 0.75
CA ILE B 33 -9.12 4.10 0.61
C ILE B 33 -8.87 4.63 -0.80
N LEU B 34 -9.94 5.05 -1.47
CA LEU B 34 -9.83 5.60 -2.82
C LEU B 34 -9.68 7.12 -2.76
N ARG B 35 -9.70 7.76 -3.92
CA ARG B 35 -9.54 9.21 -4.02
C ARG B 35 -10.72 9.84 -4.73
N THR B 37 -11.84 12.88 -5.84
CA THR B 37 -11.01 14.05 -6.11
C THR B 37 -10.83 14.90 -4.86
N GLY B 38 -9.60 14.92 -4.35
CA GLY B 38 -9.26 15.78 -3.23
C GLY B 38 -9.59 15.21 -1.87
N GLY B 39 -8.61 15.23 -0.96
CA GLY B 39 -8.85 14.90 0.43
C GLY B 39 -9.00 13.42 0.74
N LEU B 40 -8.61 13.02 1.96
CA LEU B 40 -8.78 11.67 2.44
C LEU B 40 -9.83 11.54 3.54
N GLY B 41 -10.06 12.60 4.31
CA GLY B 41 -11.13 12.64 5.27
C GLY B 41 -10.77 12.28 6.70
N ILE B 42 -9.51 12.49 7.10
CA ILE B 42 -9.07 12.18 8.45
C ILE B 42 -8.15 13.28 8.95
N SER B 43 -7.87 13.23 10.24
CA SER B 43 -6.85 14.07 10.88
C SER B 43 -6.01 13.17 11.76
N ILE B 44 -4.69 13.21 11.56
CA ILE B 44 -3.76 12.35 12.30
C ILE B 44 -3.09 13.17 13.39
N ALA B 45 -2.89 12.54 14.54
CA ALA B 45 -2.25 13.17 15.69
C ALA B 45 -1.17 12.23 16.22
N GLY B 46 -0.40 12.74 17.18
CA GLY B 46 0.70 11.98 17.73
C GLY B 46 1.96 12.11 16.89
N GLY B 47 2.95 11.34 17.27
CA GLY B 47 4.25 11.32 16.59
C GLY B 47 5.39 11.21 17.57
N LYS B 48 6.54 10.77 17.05
CA LYS B 48 7.74 10.59 17.86
C LYS B 48 8.36 11.94 18.15
N GLY B 49 8.53 12.26 19.43
CA GLY B 49 8.98 13.57 19.82
C GLY B 49 7.92 14.63 19.85
N SER B 50 6.65 14.23 19.76
CA SER B 50 5.52 15.16 19.80
C SER B 50 4.74 14.98 21.10
N THR B 51 3.73 15.81 21.28
CA THR B 51 2.81 15.65 22.39
C THR B 51 2.02 14.36 22.19
N PRO B 52 2.04 13.42 23.15
CA PRO B 52 1.34 12.15 22.93
C PRO B 52 -0.17 12.35 22.81
N TYR B 53 -0.76 11.62 21.86
CA TYR B 53 -2.22 11.61 21.73
C TYR B 53 -2.86 10.88 22.91
N LYS B 54 -2.33 9.71 23.25
CA LYS B 54 -2.80 8.97 24.42
C LYS B 54 -1.67 8.87 25.44
N ASP B 57 1.72 7.10 25.00
CA ASP B 57 2.18 6.54 23.73
C ASP B 57 2.27 7.64 22.67
N GLU B 58 3.44 7.73 22.02
CA GLU B 58 3.67 8.72 20.97
C GLU B 58 3.31 8.20 19.58
N GLY B 59 2.54 7.13 19.49
CA GLY B 59 2.14 6.62 18.20
C GLY B 59 1.28 7.62 17.45
N ILE B 60 1.08 7.34 16.18
CA ILE B 60 0.23 8.17 15.33
C ILE B 60 -1.18 7.59 15.37
N PHE B 61 -2.14 8.42 15.74
CA PHE B 61 -3.54 8.03 15.83
C PHE B 61 -4.37 8.88 14.88
N ILE B 62 -5.58 8.41 14.61
CA ILE B 62 -6.56 9.16 13.83
C ILE B 62 -7.34 10.01 14.83
N SER B 63 -7.05 11.31 14.86
CA SER B 63 -7.71 12.20 15.82
C SER B 63 -9.14 12.53 15.41
N ARG B 64 -9.44 12.49 14.11
CA ARG B 64 -10.78 12.79 13.65
C ARG B 64 -10.99 12.14 12.28
N VAL B 65 -12.26 11.93 11.95
CA VAL B 65 -12.65 11.39 10.65
C VAL B 65 -13.80 12.23 10.11
N SER B 66 -13.65 12.72 8.88
CA SER B 66 -14.73 13.47 8.24
C SER B 66 -15.99 12.61 8.17
N GLU B 67 -17.13 13.25 8.44
CA GLU B 67 -18.38 12.51 8.59
C GLU B 67 -18.64 11.58 7.41
N GLU B 68 -18.47 12.11 6.18
CA GLU B 68 -18.67 11.31 4.96
C GLU B 68 -17.50 11.61 4.02
N GLY B 69 -16.39 10.90 4.26
CA GLY B 69 -15.22 11.00 3.40
C GLY B 69 -14.76 9.62 2.97
N PRO B 70 -13.76 9.57 2.09
CA PRO B 70 -13.29 8.25 1.63
C PRO B 70 -12.82 7.35 2.74
N ALA B 71 -12.19 7.91 3.78
CA ALA B 71 -11.73 7.10 4.90
C ALA B 71 -12.91 6.60 5.73
N ALA B 72 -13.98 7.39 5.83
CA ALA B 72 -15.19 6.92 6.50
C ALA B 72 -15.83 5.78 5.73
N ARG B 73 -15.76 5.81 4.40
CA ARG B 73 -16.31 4.73 3.60
C ARG B 73 -15.50 3.44 3.76
N ALA B 74 -14.19 3.57 3.95
CA ALA B 74 -13.35 2.40 4.15
C ALA B 74 -13.49 1.81 5.54
N GLY B 75 -13.93 2.60 6.51
CA GLY B 75 -14.15 2.13 7.85
C GLY B 75 -13.20 2.66 8.92
N VAL B 76 -12.49 3.76 8.66
CA VAL B 76 -11.59 4.32 9.66
C VAL B 76 -12.41 4.92 10.80
N ARG B 77 -12.03 4.62 12.02
CA ARG B 77 -12.71 5.11 13.22
C ARG B 77 -11.80 6.06 13.98
N VAL B 78 -12.41 7.00 14.70
CA VAL B 78 -11.65 7.91 15.55
C VAL B 78 -11.03 7.11 16.69
N GLY B 79 -9.73 7.29 16.89
CA GLY B 79 -8.99 6.58 17.91
C GLY B 79 -8.15 5.44 17.39
N ASP B 80 -8.35 5.03 16.14
CA ASP B 80 -7.54 3.98 15.55
C ASP B 80 -6.08 4.38 15.54
N LYS B 81 -5.21 3.50 16.03
CA LYS B 81 -3.78 3.74 15.97
C LYS B 81 -3.27 3.37 14.59
N LEU B 82 -2.58 4.30 13.94
CA LEU B 82 -2.03 4.06 12.61
C LEU B 82 -0.76 3.24 12.73
N LEU B 83 -0.78 2.04 12.17
CA LEU B 83 0.34 1.12 12.24
C LEU B 83 1.21 1.15 10.98
N GLU B 84 0.58 1.07 9.80
CA GLU B 84 1.31 0.98 8.55
C GLU B 84 0.57 1.75 7.47
N VAL B 85 1.34 2.23 6.48
CA VAL B 85 0.78 2.87 5.30
C VAL B 85 1.56 2.35 4.10
N ASN B 86 0.85 1.69 3.18
CA ASN B 86 1.45 1.13 1.97
C ASN B 86 2.66 0.26 2.32
N GLY B 87 2.55 -0.50 3.40
CA GLY B 87 3.59 -1.42 3.80
C GLY B 87 4.69 -0.82 4.65
N VAL B 88 4.71 0.49 4.86
CA VAL B 88 5.72 1.14 5.67
C VAL B 88 5.15 1.36 7.07
N ALA B 89 5.80 0.77 8.06
CA ALA B 89 5.34 0.90 9.45
C ALA B 89 5.61 2.30 9.96
N LEU B 90 4.63 2.86 10.67
CA LEU B 90 4.73 4.18 11.28
C LEU B 90 4.70 4.11 12.80
N GLN B 91 4.97 2.93 13.37
CA GLN B 91 4.81 2.74 14.81
C GLN B 91 5.83 3.56 15.59
N GLY B 92 7.00 3.81 15.01
CA GLY B 92 8.00 4.63 15.66
C GLY B 92 8.41 5.80 14.78
N ALA B 93 7.49 6.29 13.98
CA ALA B 93 7.77 7.33 12.99
C ALA B 93 7.43 8.70 13.55
N GLU B 94 8.11 9.72 13.03
CA GLU B 94 7.82 11.08 13.39
C GLU B 94 6.52 11.54 12.72
N HIS B 95 5.98 12.65 13.20
CA HIS B 95 4.68 13.11 12.70
C HIS B 95 4.75 13.44 11.22
N HIS B 96 5.80 14.16 10.81
CA HIS B 96 5.94 14.53 9.40
C HIS B 96 6.16 13.32 8.51
N GLU B 97 6.63 12.19 9.06
CA GLU B 97 6.82 10.99 8.25
C GLU B 97 5.48 10.33 7.94
N ALA B 98 4.53 10.38 8.86
CA ALA B 98 3.19 9.88 8.58
C ALA B 98 2.46 10.79 7.60
N VAL B 99 2.63 12.10 7.73
CA VAL B 99 2.00 13.03 6.80
C VAL B 99 2.51 12.77 5.38
N GLU B 100 3.83 12.69 5.22
CA GLU B 100 4.40 12.35 3.92
C GLU B 100 3.89 11.01 3.41
N ALA B 101 3.45 10.13 4.31
CA ALA B 101 2.91 8.84 3.88
C ALA B 101 1.51 8.99 3.31
N LEU B 102 0.64 9.74 4.01
CA LEU B 102 -0.75 9.90 3.56
C LEU B 102 -0.88 11.01 2.52
N ARG B 103 -0.19 12.13 2.69
CA ARG B 103 -0.17 13.18 1.68
C ARG B 103 0.52 12.65 0.42
N GLY B 106 -1.77 9.03 -4.33
CA GLY B 106 -2.20 8.59 -5.64
C GLY B 106 -3.67 8.17 -5.63
N THR B 107 -3.99 7.09 -6.35
CA THR B 107 -5.38 6.70 -6.47
C THR B 107 -5.90 6.01 -5.21
N ALA B 108 -5.06 5.21 -4.55
CA ALA B 108 -5.49 4.49 -3.36
C ALA B 108 -4.37 4.45 -2.34
N VAL B 109 -4.75 4.29 -1.08
CA VAL B 109 -3.84 4.09 0.03
C VAL B 109 -4.45 3.06 0.95
N GLN B 110 -3.68 2.07 1.38
CA GLN B 110 -4.14 1.08 2.34
C GLN B 110 -3.36 1.24 3.62
N MET B 111 -4.07 1.31 4.74
CA MET B 111 -3.47 1.48 6.05
C MET B 111 -3.78 0.26 6.91
N ARG B 112 -2.91 -0.03 7.86
CA ARG B 112 -3.20 -0.95 8.94
C ARG B 112 -3.48 -0.14 10.19
N VAL B 113 -4.63 -0.36 10.82
CA VAL B 113 -5.00 0.36 12.02
C VAL B 113 -5.14 -0.64 13.16
N TRP B 114 -4.97 -0.12 14.38
CA TRP B 114 -5.07 -0.89 15.61
C TRP B 114 -6.21 -0.33 16.42
N ARG B 115 -7.18 -1.18 16.76
CA ARG B 115 -8.40 -0.77 17.43
C ARG B 115 -8.53 -1.55 18.72
N GLU B 116 -8.88 -0.84 19.80
CA GLU B 116 -9.03 -1.46 21.13
C GLU B 116 -10.40 -1.04 21.68
N ARG B 117 -11.41 -1.87 21.43
CA ARG B 117 -12.78 -1.64 21.90
C ARG B 117 -13.09 -0.21 22.31
N HIS C 2 10.69 -1.20 -29.67
CA HIS C 2 10.02 -0.21 -28.84
C HIS C 2 8.62 -0.69 -28.54
N THR C 3 8.32 -0.90 -27.26
CA THR C 3 7.03 -1.45 -26.87
C THR C 3 6.56 -0.88 -25.54
N ASN C 4 6.39 0.44 -25.48
CA ASN C 4 5.64 1.12 -24.43
C ASN C 4 6.18 0.80 -23.03
N GLU C 5 7.34 1.38 -22.73
CA GLU C 5 7.86 1.41 -21.37
C GLU C 5 7.67 2.81 -20.80
N THR C 6 7.36 2.89 -19.51
CA THR C 6 7.17 4.16 -18.81
C THR C 6 8.09 4.19 -17.60
N SER C 7 8.87 5.26 -17.47
CA SER C 7 9.83 5.37 -16.37
C SER C 7 9.16 5.90 -15.12
N LEU C 8 9.56 5.35 -13.97
CA LEU C 8 8.96 5.71 -12.69
C LEU C 8 9.96 5.62 -11.55
N ASN D 4 0.43 19.26 16.95
CA ASN D 4 -0.96 18.85 17.13
C ASN D 4 -1.48 18.15 15.88
N GLU D 5 -2.80 18.00 15.81
CA GLU D 5 -3.41 17.24 14.72
C GLU D 5 -3.08 17.87 13.36
N THR D 6 -2.98 17.01 12.36
CA THR D 6 -2.79 17.41 10.97
C THR D 6 -3.90 16.79 10.13
N SER D 7 -4.62 17.62 9.39
CA SER D 7 -5.80 17.18 8.65
C SER D 7 -5.47 16.94 7.18
N LEU D 8 -6.22 16.03 6.58
CA LEU D 8 -6.07 15.70 5.17
C LEU D 8 -7.41 15.81 4.43
C1 PEG E . 14.34 -3.81 1.74
O1 PEG E . 14.72 -3.48 3.05
C2 PEG E . 13.35 -2.77 1.21
O2 PEG E . 13.83 -1.48 1.46
C3 PEG E . 12.96 -0.45 1.08
C4 PEG E . 12.67 -0.53 -0.41
O4 PEG E . 12.61 0.76 -0.95
H11 PEG E . 15.12 -3.83 1.17
H12 PEG E . 13.91 -4.68 1.74
HO1 PEG E . 15.14 -4.13 3.39
H21 PEG E . 12.49 -2.89 1.65
H22 PEG E . 13.24 -2.89 0.25
H31 PEG E . 12.13 -0.54 1.58
H32 PEG E . 13.37 0.40 1.29
H41 PEG E . 13.38 -1.02 -0.86
H42 PEG E . 11.83 -0.98 -0.56
HO4 PEG E . 12.53 0.71 -1.80
S SO4 F . -3.24 3.39 -21.94
O1 SO4 F . -3.42 2.45 -23.04
O2 SO4 F . -4.24 4.46 -22.02
O3 SO4 F . -3.38 2.68 -20.67
O4 SO4 F . -1.91 3.98 -22.02
S SO4 G . 0.58 6.76 -2.05
O1 SO4 G . -0.47 6.77 -3.06
O2 SO4 G . -0.01 6.55 -0.73
O3 SO4 G . 1.28 8.05 -2.05
O4 SO4 G . 1.54 5.69 -2.33
S SO4 H . 7.59 16.46 12.94
O1 SO4 H . 6.29 17.12 12.87
O2 SO4 H . 7.48 15.08 12.47
O3 SO4 H . 8.54 17.17 12.09
O4 SO4 H . 8.05 16.45 14.33
S SO4 I . -4.16 23.57 25.59
O1 SO4 I . -5.25 23.77 24.63
O2 SO4 I . -4.48 22.43 26.45
O3 SO4 I . -2.91 23.30 24.87
O4 SO4 I . -3.97 24.77 26.40
#